data_1SLT
#
_entry.id   1SLT
#
_cell.length_a   59.300
_cell.length_b   62.900
_cell.length_c   70.100
_cell.angle_alpha   90.00
_cell.angle_beta   90.00
_cell.angle_gamma   90.00
#
_symmetry.space_group_name_H-M   'P 21 21 21'
#
loop_
_entity.id
_entity.type
_entity.pdbx_description
1 polymer 'BOVINE GALECTIN-1'
2 branched beta-D-galactopyranose-(1-4)-2-acetamido-2-deoxy-alpha-D-glucopyranose
3 non-polymer 'CHLORIDE ION'
4 water water
#
_entity_poly.entity_id   1
_entity_poly.type   'polypeptide(L)'
_entity_poly.pdbx_seq_one_letter_code
;ACGLVASNLNLKPGE(OCS)LRVRGEVAADAKSFLLNLGKDDNNLCLHFNPRFNAHGDVNTIVCNSKDAGAWGAEQRESA
FPFQPGSVVEV(OCS)ISFNQTDLTIKLPDGYEFKFPNRLNLEAINYLSAGGDFKIK(OCS)VAFE
;
_entity_poly.pdbx_strand_id   A,B
#
loop_
_chem_comp.id
_chem_comp.type
_chem_comp.name
_chem_comp.formula
CL non-polymer 'CHLORIDE ION' 'Cl -1'
GAL D-saccharide, beta linking beta-D-galactopyranose 'C6 H12 O6'
NDG D-saccharide, alpha linking 2-acetamido-2-deoxy-alpha-D-glucopyranose 'C8 H15 N O6'
#
# COMPACT_ATOMS: atom_id res chain seq x y z
N CYS A 2 7.03 -8.92 -7.05
CA CYS A 2 7.07 -8.52 -8.45
C CYS A 2 6.31 -7.21 -8.42
N GLY A 3 5.09 -7.30 -7.99
CA GLY A 3 4.36 -6.07 -7.89
C GLY A 3 4.58 -5.79 -6.39
N LEU A 4 3.79 -4.85 -5.99
CA LEU A 4 3.76 -4.41 -4.61
C LEU A 4 3.74 -5.49 -3.58
N VAL A 5 4.52 -5.30 -2.51
CA VAL A 5 4.48 -6.16 -1.35
C VAL A 5 4.17 -5.26 -0.16
N ALA A 6 3.13 -5.45 0.65
CA ALA A 6 2.87 -4.58 1.78
C ALA A 6 2.83 -5.45 3.03
N SER A 7 3.52 -5.13 4.14
CA SER A 7 3.49 -5.89 5.38
C SER A 7 3.29 -4.92 6.50
N ASN A 8 3.32 -5.50 7.66
CA ASN A 8 3.09 -4.70 8.85
C ASN A 8 1.70 -4.19 8.84
N LEU A 9 0.81 -4.92 8.18
CA LEU A 9 -0.58 -4.51 8.18
C LEU A 9 -1.23 -5.22 9.37
N ASN A 10 -2.38 -4.73 9.69
CA ASN A 10 -2.95 -5.50 10.76
C ASN A 10 -4.42 -5.37 10.52
N LEU A 11 -4.84 -5.91 9.37
CA LEU A 11 -6.26 -5.86 8.99
C LEU A 11 -7.03 -6.91 9.79
N LYS A 12 -8.12 -6.50 10.35
CA LYS A 12 -8.79 -7.55 11.08
C LYS A 12 -10.22 -7.78 10.64
N PRO A 13 -10.81 -8.83 11.20
CA PRO A 13 -12.13 -9.20 10.79
C PRO A 13 -13.07 -8.06 10.82
N GLY A 14 -13.86 -7.98 9.78
CA GLY A 14 -14.75 -6.86 9.77
C GLY A 14 -14.17 -5.80 8.88
N GLU A 15 -12.88 -5.78 8.63
CA GLU A 15 -12.44 -4.68 7.75
C GLU A 15 -12.41 -5.06 6.25
N OCS A 16 -12.47 -4.07 5.34
CA OCS A 16 -12.49 -4.26 3.88
CB OCS A 16 -13.75 -3.67 3.22
SG OCS A 16 -13.85 -4.29 1.50
C OCS A 16 -11.30 -3.66 3.10
O OCS A 16 -10.93 -2.52 3.35
OD1 OCS A 16 -13.85 -2.75 0.76
OD2 OCS A 16 -15.51 -4.62 1.16
N LEU A 17 -10.72 -4.41 2.14
CA LEU A 17 -9.60 -3.91 1.31
C LEU A 17 -10.16 -3.56 -0.08
N ARG A 18 -9.95 -2.37 -0.65
CA ARG A 18 -10.39 -2.06 -2.00
C ARG A 18 -9.06 -1.91 -2.71
N VAL A 19 -8.86 -2.55 -3.85
CA VAL A 19 -7.61 -2.50 -4.56
C VAL A 19 -7.95 -2.12 -5.98
N ARG A 20 -7.36 -1.07 -6.53
CA ARG A 20 -7.69 -0.71 -7.90
C ARG A 20 -6.45 -0.91 -8.66
N GLY A 21 -6.55 -1.39 -9.88
CA GLY A 21 -5.31 -1.59 -10.62
C GLY A 21 -5.61 -1.55 -12.10
N GLU A 22 -4.48 -1.49 -12.82
CA GLU A 22 -4.53 -1.44 -14.29
C GLU A 22 -4.11 -2.80 -14.76
N VAL A 23 -4.99 -3.42 -15.58
CA VAL A 23 -4.66 -4.76 -16.09
C VAL A 23 -3.80 -4.59 -17.34
N ALA A 24 -2.66 -5.25 -17.54
CA ALA A 24 -1.86 -5.05 -18.77
C ALA A 24 -2.63 -5.32 -20.04
N ALA A 25 -2.23 -4.64 -21.14
CA ALA A 25 -2.88 -4.81 -22.47
C ALA A 25 -2.84 -6.27 -22.97
N ASP A 26 -1.71 -6.85 -22.75
CA ASP A 26 -1.39 -8.23 -23.07
C ASP A 26 -1.57 -9.18 -21.89
N ALA A 27 -2.34 -8.84 -20.85
CA ALA A 27 -2.44 -9.67 -19.65
C ALA A 27 -2.56 -11.15 -19.88
N LYS A 28 -1.86 -11.96 -19.13
CA LYS A 28 -2.08 -13.37 -19.21
C LYS A 28 -2.69 -13.82 -17.86
N SER A 29 -2.19 -13.16 -16.80
CA SER A 29 -2.65 -13.55 -15.47
C SER A 29 -2.28 -12.48 -14.46
N PHE A 30 -2.95 -12.44 -13.31
CA PHE A 30 -2.52 -11.48 -12.28
C PHE A 30 -2.94 -12.11 -11.01
N LEU A 31 -2.38 -11.71 -9.88
CA LEU A 31 -2.75 -12.30 -8.63
C LEU A 31 -2.63 -11.20 -7.55
N LEU A 32 -3.34 -11.45 -6.45
CA LEU A 32 -3.45 -10.76 -5.19
C LEU A 32 -3.33 -11.85 -4.14
N ASN A 33 -2.29 -11.75 -3.30
CA ASN A 33 -2.02 -12.60 -2.19
C ASN A 33 -2.32 -11.85 -0.89
N LEU A 34 -3.12 -12.46 -0.02
CA LEU A 34 -3.46 -11.89 1.30
C LEU A 34 -3.14 -12.94 2.35
N GLY A 35 -2.50 -12.52 3.45
CA GLY A 35 -2.22 -13.49 4.50
C GLY A 35 -1.39 -12.93 5.70
N LYS A 36 -0.57 -13.79 6.24
CA LYS A 36 0.31 -13.54 7.33
C LYS A 36 1.65 -13.14 6.75
N ASP A 37 2.11 -14.00 5.87
CA ASP A 37 3.38 -13.72 5.26
C ASP A 37 3.42 -14.46 3.95
N ASP A 38 4.49 -14.40 3.22
CA ASP A 38 4.46 -15.06 1.92
C ASP A 38 4.22 -16.57 1.88
N ASN A 39 4.31 -17.29 3.02
CA ASN A 39 4.02 -18.74 3.05
C ASN A 39 2.68 -19.14 3.70
N ASN A 40 1.96 -18.15 4.21
CA ASN A 40 0.74 -18.35 4.92
C ASN A 40 -0.21 -17.37 4.42
N LEU A 41 -0.89 -17.84 3.36
CA LEU A 41 -1.87 -17.03 2.64
C LEU A 41 -3.27 -17.52 2.83
N CYS A 42 -4.08 -16.63 3.33
CA CYS A 42 -5.43 -17.01 3.52
C CYS A 42 -6.11 -16.90 2.14
N LEU A 43 -5.54 -16.05 1.29
CA LEU A 43 -6.15 -15.92 -0.01
C LEU A 43 -5.17 -15.67 -1.11
N HIS A 44 -5.10 -16.57 -2.13
CA HIS A 44 -4.32 -16.34 -3.36
C HIS A 44 -5.45 -16.17 -4.46
N PHE A 45 -5.69 -14.97 -5.00
CA PHE A 45 -6.76 -14.67 -5.98
C PHE A 45 -6.03 -14.47 -7.29
N ASN A 46 -6.25 -15.40 -8.24
CA ASN A 46 -5.56 -15.36 -9.48
C ASN A 46 -6.42 -15.49 -10.76
N PRO A 47 -6.98 -14.38 -11.27
CA PRO A 47 -7.69 -14.37 -12.53
C PRO A 47 -6.72 -14.77 -13.63
N ARG A 48 -7.02 -15.86 -14.38
CA ARG A 48 -6.15 -16.26 -15.48
C ARG A 48 -6.86 -15.93 -16.81
N PHE A 49 -6.24 -15.01 -17.58
CA PHE A 49 -6.81 -14.63 -18.89
C PHE A 49 -6.59 -15.84 -19.83
N ASN A 50 -5.30 -16.24 -19.83
CA ASN A 50 -4.71 -17.37 -20.52
C ASN A 50 -3.51 -17.90 -19.79
N ALA A 51 -3.60 -18.82 -18.83
CA ALA A 51 -2.33 -19.27 -18.29
C ALA A 51 -2.50 -20.61 -17.57
N HIS A 52 -1.51 -21.52 -17.51
CA HIS A 52 -1.62 -22.82 -16.81
C HIS A 52 -2.78 -23.62 -17.35
N GLY A 53 -3.06 -23.36 -18.59
CA GLY A 53 -4.13 -24.07 -19.14
C GLY A 53 -5.44 -23.49 -18.79
N ASP A 54 -5.56 -22.33 -18.17
CA ASP A 54 -6.90 -21.92 -17.84
C ASP A 54 -7.22 -20.75 -18.74
N VAL A 55 -8.50 -20.53 -19.08
CA VAL A 55 -8.80 -19.41 -19.94
C VAL A 55 -9.92 -18.68 -19.28
N ASN A 56 -9.78 -17.33 -19.16
CA ASN A 56 -10.83 -16.61 -18.52
C ASN A 56 -11.48 -17.25 -17.27
N THR A 57 -10.61 -17.74 -16.36
CA THR A 57 -11.00 -18.37 -15.09
C THR A 57 -10.32 -17.74 -13.90
N ILE A 58 -11.10 -17.66 -12.87
CA ILE A 58 -10.53 -17.20 -11.61
C ILE A 58 -10.17 -18.43 -10.75
N VAL A 59 -8.91 -18.56 -10.39
CA VAL A 59 -8.50 -19.64 -9.52
C VAL A 59 -8.20 -18.96 -8.15
N CYS A 60 -8.76 -19.50 -7.06
CA CYS A 60 -8.53 -19.10 -5.66
C CYS A 60 -7.95 -20.27 -4.89
N ASN A 61 -6.95 -20.00 -4.09
CA ASN A 61 -6.35 -21.03 -3.29
C ASN A 61 -5.89 -20.40 -1.93
N SER A 62 -5.38 -21.25 -1.06
CA SER A 62 -4.82 -20.90 0.26
C SER A 62 -3.38 -21.45 0.13
N LYS A 63 -2.53 -21.01 1.04
CA LYS A 63 -1.16 -21.48 1.09
C LYS A 63 -0.87 -21.60 2.58
N ASP A 64 -0.50 -22.81 3.00
CA ASP A 64 -0.26 -23.07 4.41
C ASP A 64 1.12 -23.65 4.59
N ALA A 65 1.99 -22.85 5.24
CA ALA A 65 3.37 -23.22 5.52
C ALA A 65 4.08 -23.56 4.28
N GLY A 66 3.80 -22.76 3.26
CA GLY A 66 4.42 -22.96 1.96
C GLY A 66 3.64 -23.97 1.07
N ALA A 67 2.60 -24.57 1.55
CA ALA A 67 2.12 -25.44 0.51
C ALA A 67 0.74 -25.07 0.06
N TRP A 68 0.49 -25.06 -1.24
CA TRP A 68 -0.88 -24.76 -1.70
C TRP A 68 -1.95 -25.71 -1.23
N GLY A 69 -3.18 -25.26 -1.02
CA GLY A 69 -4.35 -26.04 -0.62
C GLY A 69 -5.12 -26.49 -1.92
N ALA A 70 -6.42 -26.78 -1.81
CA ALA A 70 -7.31 -27.23 -2.85
C ALA A 70 -7.83 -26.01 -3.61
N GLU A 71 -7.60 -25.96 -4.95
CA GLU A 71 -8.08 -24.86 -5.76
C GLU A 71 -9.58 -24.74 -5.76
N GLN A 72 -10.02 -23.55 -6.06
CA GLN A 72 -11.43 -23.25 -6.12
C GLN A 72 -11.53 -22.36 -7.33
N ARG A 73 -12.37 -22.74 -8.29
CA ARG A 73 -12.46 -21.98 -9.55
C ARG A 73 -13.77 -21.29 -9.68
N GLU A 74 -13.61 -20.12 -10.27
CA GLU A 74 -14.72 -19.26 -10.58
C GLU A 74 -14.72 -18.91 -12.06
N SER A 75 -15.92 -19.13 -12.60
CA SER A 75 -16.14 -18.86 -14.01
C SER A 75 -16.61 -17.46 -14.23
N ALA A 76 -17.14 -16.77 -13.21
CA ALA A 76 -17.46 -15.37 -13.38
C ALA A 76 -16.16 -14.69 -13.84
N PHE A 77 -16.16 -13.92 -14.90
CA PHE A 77 -14.91 -13.32 -15.40
C PHE A 77 -15.07 -11.94 -16.03
N PRO A 78 -15.45 -11.00 -15.20
CA PRO A 78 -15.63 -9.64 -15.56
C PRO A 78 -14.32 -8.79 -15.70
N PHE A 79 -13.28 -9.31 -16.33
CA PHE A 79 -12.05 -8.56 -16.50
C PHE A 79 -11.67 -8.51 -17.96
N GLN A 80 -11.21 -7.37 -18.40
CA GLN A 80 -10.82 -7.14 -19.80
C GLN A 80 -9.40 -6.64 -19.73
N PRO A 81 -8.60 -7.18 -20.62
CA PRO A 81 -7.21 -6.78 -20.68
C PRO A 81 -7.15 -5.33 -21.07
N GLY A 82 -6.14 -4.69 -20.52
CA GLY A 82 -5.97 -3.26 -20.79
C GLY A 82 -7.03 -2.41 -20.17
N SER A 83 -7.42 -2.72 -18.95
CA SER A 83 -8.42 -1.93 -18.28
C SER A 83 -7.94 -1.60 -16.86
N VAL A 84 -8.69 -0.81 -16.17
CA VAL A 84 -8.46 -0.41 -14.80
C VAL A 84 -9.62 -1.03 -14.02
N VAL A 85 -9.35 -1.98 -13.12
CA VAL A 85 -10.48 -2.59 -12.37
C VAL A 85 -10.32 -2.39 -10.87
N GLU A 86 -11.37 -2.59 -10.08
CA GLU A 86 -11.30 -2.50 -8.62
C GLU A 86 -11.87 -3.79 -8.09
N VAL A 87 -11.28 -4.46 -7.06
CA VAL A 87 -11.72 -5.68 -6.40
C VAL A 87 -11.79 -5.36 -4.89
N OCS A 88 -12.70 -5.91 -4.13
CA OCS A 88 -12.82 -5.59 -2.73
CB OCS A 88 -14.19 -4.93 -2.51
SG OCS A 88 -14.02 -3.25 -3.19
C OCS A 88 -12.88 -6.91 -2.03
O OCS A 88 -13.61 -7.75 -2.52
OD1 OCS A 88 -14.32 -3.26 -4.91
OD2 OCS A 88 -15.50 -2.60 -2.77
N ILE A 89 -12.14 -7.08 -0.95
CA ILE A 89 -12.07 -8.25 -0.20
C ILE A 89 -12.43 -7.91 1.22
N SER A 90 -13.42 -8.65 1.74
CA SER A 90 -13.94 -8.53 3.08
C SER A 90 -13.43 -9.71 3.80
N PHE A 91 -12.92 -9.41 4.94
CA PHE A 91 -12.35 -10.44 5.76
C PHE A 91 -13.29 -10.76 6.91
N ASN A 92 -13.84 -11.97 6.97
CA ASN A 92 -14.70 -12.22 8.09
C ASN A 92 -14.02 -13.30 8.86
N GLN A 93 -14.61 -13.68 9.97
CA GLN A 93 -13.96 -14.74 10.73
C GLN A 93 -13.82 -16.12 10.06
N THR A 94 -14.88 -16.61 9.41
CA THR A 94 -15.01 -17.93 8.73
C THR A 94 -14.51 -17.92 7.28
N ASP A 95 -14.76 -16.78 6.69
CA ASP A 95 -14.37 -16.66 5.32
C ASP A 95 -14.06 -15.22 4.88
N LEU A 96 -13.78 -15.16 3.58
CA LEU A 96 -13.54 -13.96 2.82
C LEU A 96 -14.61 -13.83 1.73
N THR A 97 -15.06 -12.61 1.44
CA THR A 97 -16.00 -12.31 0.43
C THR A 97 -15.17 -11.52 -0.54
N ILE A 98 -15.26 -11.90 -1.81
CA ILE A 98 -14.57 -11.29 -2.93
C ILE A 98 -15.67 -10.69 -3.79
N LYS A 99 -15.60 -9.39 -3.96
CA LYS A 99 -16.52 -8.59 -4.77
C LYS A 99 -15.78 -8.10 -6.05
N LEU A 100 -16.33 -8.56 -7.17
CA LEU A 100 -15.82 -8.28 -8.51
C LEU A 100 -16.36 -7.01 -9.11
N PRO A 101 -15.55 -6.48 -10.06
CA PRO A 101 -15.88 -5.22 -10.66
C PRO A 101 -17.31 -5.14 -11.11
N ASP A 102 -17.91 -6.28 -11.40
CA ASP A 102 -19.26 -6.10 -11.86
C ASP A 102 -20.25 -6.24 -10.73
N GLY A 103 -19.77 -6.41 -9.52
CA GLY A 103 -20.77 -6.50 -8.48
C GLY A 103 -20.91 -7.92 -8.04
N TYR A 104 -20.47 -8.86 -8.84
CA TYR A 104 -20.62 -10.24 -8.46
C TYR A 104 -19.91 -10.64 -7.15
N GLU A 105 -20.51 -11.42 -6.24
CA GLU A 105 -19.67 -11.75 -5.15
C GLU A 105 -19.62 -13.18 -4.87
N PHE A 106 -18.49 -13.63 -4.36
CA PHE A 106 -18.34 -15.01 -3.99
C PHE A 106 -17.50 -15.23 -2.75
N LYS A 107 -17.60 -16.40 -2.10
CA LYS A 107 -16.85 -16.60 -0.88
C LYS A 107 -15.78 -17.62 -0.96
N PHE A 108 -14.83 -17.40 -0.05
CA PHE A 108 -13.74 -18.33 -0.02
C PHE A 108 -13.50 -18.58 1.47
N PRO A 109 -13.27 -19.83 1.88
CA PRO A 109 -13.08 -20.04 3.26
C PRO A 109 -11.65 -19.70 3.68
N ASN A 110 -11.66 -19.35 4.95
CA ASN A 110 -10.42 -19.04 5.60
C ASN A 110 -9.87 -20.34 6.20
N ARG A 111 -9.09 -21.03 5.43
CA ARG A 111 -8.64 -22.27 5.93
C ARG A 111 -7.57 -22.28 7.00
N LEU A 112 -6.90 -21.14 7.11
CA LEU A 112 -5.79 -20.97 8.05
C LEU A 112 -6.29 -20.71 9.45
N ASN A 113 -7.44 -20.05 9.37
CA ASN A 113 -8.11 -19.61 10.53
C ASN A 113 -7.19 -18.50 11.06
N LEU A 114 -6.73 -17.59 10.20
CA LEU A 114 -5.92 -16.41 10.54
C LEU A 114 -6.96 -15.48 11.11
N GLU A 115 -6.54 -14.66 12.12
CA GLU A 115 -7.34 -13.70 12.88
C GLU A 115 -7.06 -12.31 12.38
N ALA A 116 -6.01 -12.24 11.53
CA ALA A 116 -5.71 -10.97 10.93
C ALA A 116 -4.95 -11.14 9.65
N ILE A 117 -4.97 -10.04 8.85
CA ILE A 117 -4.23 -9.96 7.61
C ILE A 117 -3.03 -9.00 7.74
N ASN A 118 -1.85 -9.51 7.59
CA ASN A 118 -0.82 -8.56 7.80
C ASN A 118 0.02 -8.43 6.56
N TYR A 119 -0.31 -9.15 5.52
CA TYR A 119 0.53 -9.10 4.33
C TYR A 119 -0.33 -9.09 3.05
N LEU A 120 0.05 -8.29 2.08
CA LEU A 120 -0.64 -8.17 0.85
C LEU A 120 0.41 -8.13 -0.21
N SER A 121 0.24 -8.87 -1.31
CA SER A 121 1.13 -8.80 -2.45
C SER A 121 0.35 -8.87 -3.77
N ALA A 122 0.91 -8.29 -4.82
CA ALA A 122 0.34 -8.27 -6.16
C ALA A 122 1.38 -8.73 -7.09
N GLY A 123 0.94 -9.37 -8.17
CA GLY A 123 1.88 -9.94 -9.14
C GLY A 123 1.21 -10.11 -10.49
N GLY A 124 1.98 -10.52 -11.48
CA GLY A 124 1.38 -10.67 -12.77
C GLY A 124 1.20 -9.35 -13.46
N ASP A 125 0.26 -9.42 -14.37
CA ASP A 125 -0.01 -8.39 -15.27
C ASP A 125 -0.97 -7.39 -14.79
N PHE A 126 -0.61 -6.79 -13.65
CA PHE A 126 -1.52 -5.83 -13.03
C PHE A 126 -0.68 -4.70 -12.40
N LYS A 127 -1.00 -3.39 -12.54
CA LYS A 127 -0.20 -2.29 -11.95
C LYS A 127 -1.04 -1.72 -10.81
N ILE A 128 -0.63 -1.88 -9.53
CA ILE A 128 -1.44 -1.33 -8.46
C ILE A 128 -1.57 0.20 -8.65
N LYS A 129 -2.78 0.75 -8.55
CA LYS A 129 -3.08 2.16 -8.62
C LYS A 129 -3.56 2.76 -7.29
N OCS A 130 -4.26 2.02 -6.44
CA OCS A 130 -4.74 2.52 -5.16
CB OCS A 130 -6.10 3.25 -5.26
SG OCS A 130 -6.87 3.78 -3.70
C OCS A 130 -5.02 1.34 -4.32
O OCS A 130 -5.34 0.31 -4.90
OD1 OCS A 130 -8.56 3.64 -3.92
N VAL A 131 -4.89 1.49 -2.99
CA VAL A 131 -5.21 0.47 -1.98
C VAL A 131 -5.97 1.29 -0.96
N ALA A 132 -7.09 0.78 -0.53
CA ALA A 132 -7.79 1.54 0.46
C ALA A 132 -8.19 0.55 1.54
N PHE A 133 -8.38 1.05 2.75
CA PHE A 133 -8.77 0.35 3.96
C PHE A 133 -10.15 0.84 4.33
N GLU A 134 -11.02 -0.12 4.45
CA GLU A 134 -12.37 0.36 4.71
C GLU A 134 -13.03 -0.68 5.62
N GLY B 3 2.40 1.36 10.33
CA GLY B 3 1.04 1.28 9.77
C GLY B 3 1.09 0.54 8.45
N LEU B 4 2.25 0.58 7.85
CA LEU B 4 2.41 -0.04 6.58
C LEU B 4 3.86 0.05 6.22
N VAL B 5 4.32 -1.04 5.69
CA VAL B 5 5.66 -1.13 5.14
C VAL B 5 5.47 -1.61 3.66
N ALA B 6 5.84 -0.84 2.65
CA ALA B 6 5.63 -1.33 1.30
C ALA B 6 6.89 -1.36 0.46
N SER B 7 7.20 -2.42 -0.29
CA SER B 7 8.33 -2.38 -1.18
C SER B 7 7.80 -2.73 -2.59
N ASN B 8 8.72 -2.63 -3.55
CA ASN B 8 8.48 -2.82 -4.99
C ASN B 8 7.51 -1.75 -5.37
N LEU B 9 7.54 -0.59 -4.77
CA LEU B 9 6.59 0.42 -5.16
C LEU B 9 6.72 1.01 -6.59
N ASN B 10 7.97 1.01 -7.04
CA ASN B 10 8.47 1.55 -8.28
C ASN B 10 7.91 2.92 -8.70
N LEU B 11 7.80 3.86 -7.74
CA LEU B 11 7.28 5.20 -7.98
C LEU B 11 8.32 5.95 -8.82
N LYS B 12 7.83 6.58 -9.87
CA LYS B 12 8.80 7.32 -10.71
C LYS B 12 8.45 8.76 -10.79
N PRO B 13 9.45 9.50 -11.33
CA PRO B 13 9.24 10.90 -11.51
C PRO B 13 8.03 11.14 -12.39
N GLY B 14 7.22 12.14 -12.06
CA GLY B 14 6.07 12.43 -12.85
C GLY B 14 4.83 11.88 -12.22
N GLU B 15 5.00 10.85 -11.39
CA GLU B 15 3.84 10.32 -10.67
C GLU B 15 3.57 11.09 -9.35
N OCS B 16 2.38 10.94 -8.81
CA OCS B 16 2.09 11.63 -7.60
CB OCS B 16 0.90 12.61 -7.84
SG OCS B 16 0.34 13.04 -6.19
C OCS B 16 1.74 10.52 -6.61
O OCS B 16 0.89 9.68 -6.96
OD1 OCS B 16 -1.22 13.56 -5.98
OD2 OCS B 16 1.11 14.58 -6.13
N LEU B 17 2.36 10.46 -5.42
CA LEU B 17 1.99 9.48 -4.40
C LEU B 17 1.01 10.18 -3.47
N ARG B 18 -0.25 9.72 -3.31
CA ARG B 18 -1.24 10.33 -2.46
C ARG B 18 -1.47 9.44 -1.26
N VAL B 19 -1.38 9.91 -0.01
CA VAL B 19 -1.56 9.09 1.21
C VAL B 19 -2.61 9.79 2.03
N ARG B 20 -3.75 9.12 2.39
CA ARG B 20 -4.71 9.82 3.20
C ARG B 20 -4.86 9.01 4.48
N GLY B 21 -5.00 9.65 5.65
CA GLY B 21 -5.08 8.88 6.89
C GLY B 21 -5.69 9.72 8.01
N GLU B 22 -5.91 9.12 9.14
CA GLU B 22 -6.47 9.87 10.24
C GLU B 22 -5.40 10.01 11.32
N VAL B 23 -5.32 11.25 11.78
CA VAL B 23 -4.38 11.59 12.85
C VAL B 23 -5.08 11.30 14.22
N ALA B 24 -4.49 10.45 15.03
CA ALA B 24 -4.99 10.09 16.33
C ALA B 24 -5.34 11.31 17.20
N ALA B 25 -6.27 11.08 18.17
CA ALA B 25 -6.77 12.08 19.08
C ALA B 25 -5.66 12.62 19.94
N ASP B 26 -4.85 11.72 20.46
CA ASP B 26 -3.80 12.17 21.34
C ASP B 26 -2.43 12.04 20.69
N ALA B 27 -2.33 12.36 19.43
CA ALA B 27 -1.08 12.24 18.65
C ALA B 27 0.19 12.93 19.12
N LYS B 28 1.36 12.26 19.13
CA LYS B 28 2.62 12.89 19.42
C LYS B 28 3.36 13.18 18.12
N SER B 29 3.21 12.20 17.17
CA SER B 29 3.89 12.30 15.89
C SER B 29 3.35 11.27 14.88
N PHE B 30 3.72 11.45 13.61
CA PHE B 30 3.45 10.48 12.53
C PHE B 30 4.55 10.65 11.51
N LEU B 31 4.79 9.62 10.73
CA LEU B 31 5.84 9.79 9.77
C LEU B 31 5.54 8.99 8.48
N LEU B 32 6.18 9.43 7.42
CA LEU B 32 6.17 8.82 6.09
C LEU B 32 7.60 8.68 5.66
N ASN B 33 8.03 7.47 5.40
CA ASN B 33 9.37 7.30 4.89
C ASN B 33 9.33 6.89 3.40
N LEU B 34 10.21 7.44 2.56
CA LEU B 34 10.30 7.08 1.15
C LEU B 34 11.74 6.82 0.78
N GLY B 35 12.09 5.75 0.06
CA GLY B 35 13.47 5.58 -0.28
C GLY B 35 13.67 4.26 -1.00
N LYS B 36 14.83 3.69 -0.70
CA LYS B 36 15.25 2.41 -1.24
C LYS B 36 14.87 1.28 -0.34
N ASP B 37 15.14 1.44 0.94
CA ASP B 37 14.83 0.44 1.89
C ASP B 37 14.80 1.23 3.19
N ASP B 38 14.56 0.54 4.28
CA ASP B 38 14.48 1.13 5.60
C ASP B 38 15.75 1.85 6.05
N ASN B 39 16.95 1.47 5.55
CA ASN B 39 18.27 2.08 5.85
C ASN B 39 18.73 3.15 4.88
N ASN B 40 17.98 3.33 3.81
CA ASN B 40 18.30 4.28 2.78
C ASN B 40 17.08 5.09 2.27
N LEU B 41 16.79 6.20 2.97
CA LEU B 41 15.69 7.06 2.70
C LEU B 41 16.04 8.33 2.02
N CYS B 42 15.32 8.70 0.97
CA CYS B 42 15.49 9.98 0.30
C CYS B 42 14.52 10.89 1.05
N LEU B 43 13.54 10.36 1.80
CA LEU B 43 12.73 11.31 2.51
C LEU B 43 12.10 10.70 3.72
N HIS B 44 12.31 11.28 4.91
CA HIS B 44 11.73 10.96 6.22
C HIS B 44 10.93 12.22 6.50
N PHE B 45 9.61 12.16 6.45
CA PHE B 45 8.75 13.30 6.62
C PHE B 45 8.14 13.06 7.99
N ASN B 46 8.49 13.88 9.00
CA ASN B 46 7.92 13.57 10.31
C ASN B 46 7.29 14.76 11.02
N PRO B 47 6.01 14.97 10.87
CA PRO B 47 5.44 16.06 11.61
C PRO B 47 5.35 15.64 13.09
N ARG B 48 5.86 16.52 13.99
CA ARG B 48 5.85 16.30 15.45
C ARG B 48 4.93 17.28 16.15
N PHE B 49 3.91 16.73 16.78
CA PHE B 49 2.90 17.50 17.49
C PHE B 49 3.64 17.82 18.79
N ASN B 50 4.35 16.78 19.26
CA ASN B 50 5.10 17.01 20.45
C ASN B 50 5.97 15.82 20.61
N ALA B 51 7.16 15.89 20.05
CA ALA B 51 8.04 14.78 20.22
C ALA B 51 9.49 15.23 20.12
N HIS B 52 10.31 14.52 20.89
CA HIS B 52 11.72 14.74 20.93
C HIS B 52 12.00 16.18 21.28
N GLY B 53 11.14 16.75 22.07
CA GLY B 53 11.53 18.11 22.31
C GLY B 53 10.89 19.06 21.36
N ASP B 54 10.39 18.59 20.20
CA ASP B 54 9.71 19.38 19.17
C ASP B 54 8.18 19.48 19.36
N VAL B 55 7.66 20.71 19.23
CA VAL B 55 6.26 21.04 19.36
C VAL B 55 5.79 21.66 18.05
N ASN B 56 4.75 21.09 17.47
CA ASN B 56 4.18 21.46 16.20
C ASN B 56 5.18 21.79 15.15
N THR B 57 6.09 20.85 14.90
CA THR B 57 7.08 21.11 13.90
C THR B 57 7.22 19.94 12.95
N ILE B 58 7.45 20.26 11.66
CA ILE B 58 7.68 19.26 10.63
C ILE B 58 9.16 19.08 10.49
N VAL B 59 9.60 17.88 10.83
CA VAL B 59 11.01 17.59 10.61
C VAL B 59 11.17 16.64 9.41
N CYS B 60 12.10 16.99 8.50
CA CYS B 60 12.44 16.14 7.34
C CYS B 60 13.92 15.85 7.29
N ASN B 61 14.24 14.65 6.87
CA ASN B 61 15.65 14.29 6.70
C ASN B 61 15.80 13.15 5.69
N SER B 62 17.01 12.66 5.59
CA SER B 62 17.44 11.58 4.75
C SER B 62 18.13 10.59 5.67
N LYS B 63 18.44 9.42 5.08
CA LYS B 63 19.11 8.33 5.78
C LYS B 63 19.89 7.68 4.67
N ASP B 64 21.19 7.61 4.93
CA ASP B 64 22.22 7.08 4.10
C ASP B 64 22.96 6.06 4.96
N ALA B 65 22.80 4.84 4.48
CA ALA B 65 23.34 3.64 5.06
C ALA B 65 23.10 3.57 6.52
N GLY B 66 21.90 3.87 6.97
CA GLY B 66 21.58 3.77 8.40
C GLY B 66 21.75 5.07 9.19
N ALA B 67 22.39 5.99 8.52
CA ALA B 67 22.63 7.24 9.17
C ALA B 67 21.71 8.38 8.84
N TRP B 68 21.07 8.99 9.84
CA TRP B 68 20.22 10.15 9.56
C TRP B 68 21.03 11.23 8.94
N GLY B 69 20.54 12.16 8.18
CA GLY B 69 21.40 13.16 7.53
C GLY B 69 21.14 14.48 8.24
N ALA B 70 21.24 15.61 7.54
CA ALA B 70 20.93 16.89 8.16
C ALA B 70 19.45 17.25 8.14
N GLU B 71 18.85 17.41 9.33
CA GLU B 71 17.43 17.77 9.51
C GLU B 71 17.14 19.05 8.83
N GLN B 72 15.89 19.23 8.44
CA GLN B 72 15.34 20.43 7.76
C GLN B 72 14.04 20.51 8.55
N ARG B 73 13.71 21.72 9.04
CA ARG B 73 12.57 21.97 9.85
C ARG B 73 11.67 22.97 9.17
N GLU B 74 10.36 22.73 9.18
CA GLU B 74 9.32 23.61 8.60
C GLU B 74 8.33 24.00 9.65
N SER B 75 8.02 25.27 9.46
CA SER B 75 7.09 26.01 10.29
C SER B 75 5.66 25.56 10.08
N ALA B 76 5.34 25.57 8.83
CA ALA B 76 4.02 25.15 8.45
C ALA B 76 3.67 23.90 9.20
N PHE B 77 2.50 23.94 9.74
CA PHE B 77 2.12 22.77 10.43
C PHE B 77 0.65 22.70 10.26
N PRO B 78 0.15 22.47 9.05
CA PRO B 78 -1.28 22.41 8.83
C PRO B 78 -1.92 21.16 9.43
N PHE B 79 -1.53 20.69 10.63
CA PHE B 79 -2.08 19.48 11.23
C PHE B 79 -2.71 19.60 12.61
N GLN B 80 -3.90 19.01 12.70
CA GLN B 80 -4.72 18.92 13.87
C GLN B 80 -4.92 17.49 14.22
N PRO B 81 -4.82 17.24 15.47
CA PRO B 81 -4.98 15.91 15.99
C PRO B 81 -6.43 15.56 15.85
N GLY B 82 -6.66 14.29 15.68
CA GLY B 82 -8.01 13.83 15.54
C GLY B 82 -8.58 14.06 14.17
N SER B 83 -7.80 14.55 13.27
CA SER B 83 -8.33 14.83 11.95
C SER B 83 -7.88 13.91 10.81
N VAL B 84 -8.56 13.94 9.68
CA VAL B 84 -8.09 13.16 8.59
C VAL B 84 -7.26 14.01 7.68
N VAL B 85 -6.02 13.66 7.36
CA VAL B 85 -5.19 14.45 6.44
C VAL B 85 -4.79 13.78 5.08
N GLU B 86 -4.35 14.54 4.09
CA GLU B 86 -3.90 13.91 2.89
C GLU B 86 -2.61 14.63 2.50
N VAL B 87 -1.65 13.88 2.02
CA VAL B 87 -0.36 14.46 1.58
C VAL B 87 -0.04 13.92 0.20
N OCS B 88 0.58 14.74 -0.65
CA OCS B 88 0.88 14.31 -1.99
CB OCS B 88 0.10 15.13 -3.04
SG OCS B 88 -1.67 14.87 -2.80
C OCS B 88 2.33 14.58 -2.20
O OCS B 88 2.75 15.70 -2.01
OD1 OCS B 88 -2.35 16.34 -2.13
N ILE B 89 3.07 13.55 -2.60
CA ILE B 89 4.47 13.64 -2.84
C ILE B 89 4.81 13.36 -4.29
N SER B 90 5.64 14.16 -4.92
CA SER B 90 6.08 13.82 -6.26
C SER B 90 7.59 14.10 -6.25
N PHE B 91 8.44 13.69 -7.21
CA PHE B 91 9.83 13.98 -7.07
C PHE B 91 10.48 14.02 -8.40
N ASN B 92 11.72 14.34 -8.30
CA ASN B 92 12.52 14.30 -9.47
C ASN B 92 13.92 14.04 -9.04
N GLN B 93 14.83 14.25 -10.00
CA GLN B 93 16.22 13.95 -9.72
C GLN B 93 16.83 14.84 -8.68
N THR B 94 16.30 16.06 -8.59
CA THR B 94 16.88 17.00 -7.66
C THR B 94 16.18 17.24 -6.31
N ASP B 95 14.84 17.25 -6.33
CA ASP B 95 14.03 17.49 -5.15
C ASP B 95 12.78 16.64 -5.07
N LEU B 96 12.18 16.62 -3.88
CA LEU B 96 10.94 15.99 -3.61
C LEU B 96 10.07 17.16 -3.30
N THR B 97 8.84 17.16 -3.81
CA THR B 97 7.90 18.18 -3.54
C THR B 97 6.85 17.54 -2.69
N ILE B 98 6.53 18.20 -1.60
CA ILE B 98 5.55 17.72 -0.63
C ILE B 98 4.41 18.75 -0.55
N LYS B 99 3.24 18.28 -0.91
CA LYS B 99 2.05 19.10 -0.82
C LYS B 99 1.15 18.75 0.36
N LEU B 100 0.89 19.76 1.21
CA LEU B 100 0.07 19.64 2.44
C LEU B 100 -1.27 20.22 2.26
N PRO B 101 -2.10 19.90 3.25
CA PRO B 101 -3.51 20.32 3.39
C PRO B 101 -3.85 21.80 3.19
N ASP B 102 -3.14 22.64 3.92
CA ASP B 102 -3.45 24.04 3.86
C ASP B 102 -3.10 24.60 2.49
N GLY B 103 -2.90 23.74 1.52
CA GLY B 103 -2.48 24.35 0.30
C GLY B 103 -0.96 24.17 0.30
N TYR B 104 -0.31 24.58 1.42
CA TYR B 104 1.12 24.53 1.68
C TYR B 104 2.05 23.56 0.96
N GLU B 105 3.22 24.00 0.48
CA GLU B 105 3.96 22.94 -0.14
C GLU B 105 5.44 23.15 -0.06
N PHE B 106 6.25 22.15 0.18
CA PHE B 106 7.62 22.59 0.13
C PHE B 106 8.48 21.56 -0.54
N LYS B 107 9.73 21.92 -0.68
CA LYS B 107 10.70 21.04 -1.27
C LYS B 107 11.72 20.52 -0.29
N PHE B 108 12.31 19.44 -0.72
CA PHE B 108 13.31 18.73 0.01
C PHE B 108 14.27 18.19 -1.01
N PRO B 109 15.53 18.28 -0.71
CA PRO B 109 16.47 17.85 -1.68
C PRO B 109 16.57 16.36 -1.81
N ASN B 110 16.76 16.02 -3.09
CA ASN B 110 16.93 14.63 -3.32
C ASN B 110 18.36 14.29 -3.05
N ARG B 111 18.62 14.05 -1.79
CA ARG B 111 19.97 13.71 -1.44
C ARG B 111 20.57 12.47 -2.06
N LEU B 112 19.87 11.37 -2.13
CA LEU B 112 20.51 10.22 -2.73
C LEU B 112 20.39 10.28 -4.23
N ASN B 113 19.64 11.24 -4.78
CA ASN B 113 19.51 11.26 -6.22
C ASN B 113 18.98 9.93 -6.75
N LEU B 114 17.97 9.42 -6.09
CA LEU B 114 17.28 8.18 -6.48
C LEU B 114 16.45 8.52 -7.73
N GLU B 115 16.25 7.63 -8.70
CA GLU B 115 15.41 7.92 -9.89
C GLU B 115 14.06 7.20 -9.85
N ALA B 116 13.98 6.34 -8.86
CA ALA B 116 12.77 5.56 -8.59
C ALA B 116 12.73 5.33 -7.10
N ILE B 117 11.56 5.35 -6.52
CA ILE B 117 11.38 5.16 -5.11
C ILE B 117 10.72 3.80 -4.91
N ASN B 118 11.41 2.91 -4.25
CA ASN B 118 10.89 1.56 -4.10
C ASN B 118 10.31 1.11 -2.79
N TYR B 119 10.50 1.94 -1.80
CA TYR B 119 10.13 1.65 -0.43
C TYR B 119 9.32 2.80 0.16
N LEU B 120 8.26 2.41 0.90
CA LEU B 120 7.44 3.42 1.55
C LEU B 120 7.03 2.85 2.90
N SER B 121 7.06 3.61 3.97
CA SER B 121 6.65 3.07 5.29
C SER B 121 5.84 4.22 5.83
N ALA B 122 4.95 3.94 6.73
CA ALA B 122 4.09 4.94 7.28
C ALA B 122 3.93 4.48 8.71
N GLY B 123 4.10 5.35 9.69
CA GLY B 123 4.08 4.98 11.09
C GLY B 123 3.69 6.13 12.06
N GLY B 124 3.56 5.80 13.35
CA GLY B 124 3.13 6.76 14.35
C GLY B 124 1.66 6.81 14.69
N ASP B 125 1.15 7.99 15.14
CA ASP B 125 -0.25 8.17 15.61
C ASP B 125 -1.09 8.48 14.37
N PHE B 126 -1.08 7.58 13.40
CA PHE B 126 -1.78 7.91 12.13
C PHE B 126 -2.40 6.64 11.55
N LYS B 127 -3.66 6.63 11.13
CA LYS B 127 -4.03 5.33 10.58
C LYS B 127 -4.31 5.57 9.10
N ILE B 128 -3.65 4.80 8.23
CA ILE B 128 -3.75 4.86 6.76
C ILE B 128 -5.15 4.44 6.29
N LYS B 129 -5.74 5.27 5.49
CA LYS B 129 -7.04 5.02 4.94
C LYS B 129 -6.84 4.66 3.49
N OCS B 130 -5.91 5.30 2.76
CA OCS B 130 -5.65 4.99 1.35
CB OCS B 130 -6.68 5.50 0.30
SG OCS B 130 -6.80 7.29 0.01
C OCS B 130 -4.29 5.42 0.89
O OCS B 130 -3.73 6.42 1.37
OD1 OCS B 130 -6.17 7.55 -1.53
N VAL B 131 -3.80 4.67 -0.08
CA VAL B 131 -2.53 4.99 -0.70
C VAL B 131 -2.83 4.98 -2.21
N ALA B 132 -2.55 6.02 -3.00
CA ALA B 132 -2.77 5.99 -4.44
C ALA B 132 -1.54 6.49 -5.16
N PHE B 133 -1.42 6.05 -6.39
CA PHE B 133 -0.35 6.45 -7.33
C PHE B 133 -1.08 7.11 -8.44
N GLU B 134 -0.98 8.41 -8.56
CA GLU B 134 -1.65 9.11 -9.64
C GLU B 134 -0.51 9.70 -10.48
C1 NDG C . -2.38 -27.83 -12.12
C2 NDG C . -3.50 -26.78 -11.81
C3 NDG C . -2.96 -25.30 -11.71
C4 NDG C . -1.70 -25.26 -10.83
C5 NDG C . -0.69 -26.38 -11.19
C6 NDG C . 0.54 -26.52 -10.29
C7 NDG C . -5.74 -27.80 -12.32
C8 NDG C . -6.96 -27.75 -13.22
O5 NDG C . -1.32 -27.68 -11.17
O3 NDG C . -3.93 -24.35 -11.23
O4 NDG C . -1.07 -23.96 -10.91
O6 NDG C . 0.32 -26.36 -8.88
O7 NDG C . -5.71 -28.62 -11.39
N2 NDG C . -4.75 -26.93 -12.57
O1 NDG C . -1.73 -27.51 -13.36
C1 GAL C . -0.67 -23.37 -9.68
C2 GAL C . 0.14 -22.15 -10.00
C3 GAL C . 0.48 -21.32 -8.77
C4 GAL C . -0.76 -21.04 -7.95
C5 GAL C . -1.57 -22.30 -7.78
C6 GAL C . -2.94 -22.08 -7.23
O2 GAL C . 1.29 -22.50 -10.74
O3 GAL C . 0.86 -20.04 -9.28
O4 GAL C . -1.54 -20.20 -8.79
O5 GAL C . -1.83 -22.80 -9.09
O6 GAL C . -3.41 -23.31 -6.70
C1 NDG D . 18.55 15.11 17.75
C2 NDG D . 17.39 15.71 16.98
C3 NDG D . 16.24 14.69 16.74
C4 NDG D . 16.64 13.28 16.30
C5 NDG D . 17.81 12.82 17.19
C6 NDG D . 18.23 11.35 16.99
C7 NDG D . 17.48 18.05 17.15
C8 NDG D . 16.93 19.40 17.52
O5 NDG D . 18.90 13.81 17.16
O3 NDG D . 15.17 15.28 16.01
O4 NDG D . 15.55 12.33 16.39
O6 NDG D . 18.92 11.14 15.74
O7 NDG D . 18.53 18.07 16.52
N2 NDG D . 16.84 16.95 17.50
O1 NDG D . 17.94 14.99 19.02
C1 GAL D . 15.55 11.52 15.26
C2 GAL D . 14.34 10.62 15.42
C3 GAL D . 14.11 9.78 14.11
C4 GAL D . 13.90 10.74 12.97
C5 GAL D . 15.17 11.56 12.91
C6 GAL D . 15.08 12.68 11.93
O2 GAL D . 14.71 9.79 16.52
O3 GAL D . 12.90 9.07 14.30
O4 GAL D . 12.73 11.56 13.16
O5 GAL D . 15.32 12.31 14.09
O6 GAL D . 16.41 13.18 11.95
CL CL E . 6.08 -20.91 8.55
#